data_5UG2
#
_entry.id   5UG2
#
_cell.length_a   51.309
_cell.length_b   72.848
_cell.length_c   104.410
_cell.angle_alpha   90.000
_cell.angle_beta   90.000
_cell.angle_gamma   90.000
#
_symmetry.space_group_name_H-M   'P 21 21 21'
#
loop_
_entity.id
_entity.type
_entity.pdbx_description
1 polymer Peroxidase
2 non-polymer 'PROTOPORPHYRIN IX CONTAINING FE'
3 non-polymer 6-fluoro-2-methylimidazo[1,2-a]pyridin-3-amine
4 water water
#
_entity_poly.entity_id   1
_entity_poly.type   'polypeptide(L)'
_entity_poly.pdbx_seq_one_letter_code
;LVHVASVEKGRSYEDFQKVYNAIALKLREDDEYDNYIGYGPVLVRLAWHISGTWDKHDNTGGSYGGTYRFKKEFNDPSNA
GLQNGFKFLEPIHKEFPWISSGDLFSLGGVTAVQEMQGPKIPWRCGRVDTPEDTTPDNGRLPDADKDAGYVRTFFQRLNM
NDREVVALMGAHALGKTHLKNSGYEGGGANNVFTNEFYLNLLNEDWKLEKNDANNEQWDSKSGYMMLPTDYSLIQDPKYL
SIVKEYANDQDKFFKDFSKAFEKLLENGITFPKDAPSPFIFKTLEEQGL
;
_entity_poly.pdbx_strand_id   A
#
# COMPACT_ATOMS: atom_id res chain seq x y z
N LEU A 1 15.93 12.12 15.45
CA LEU A 1 14.54 12.56 15.26
C LEU A 1 13.57 11.48 15.73
N VAL A 2 12.81 11.79 16.78
CA VAL A 2 11.95 10.79 17.41
C VAL A 2 10.48 11.18 17.31
N HIS A 3 9.66 10.24 16.84
CA HIS A 3 8.21 10.44 16.73
C HIS A 3 7.51 9.48 17.68
N VAL A 4 7.01 10.00 18.79
CA VAL A 4 6.35 9.16 19.78
C VAL A 4 4.85 9.09 19.52
N ALA A 5 4.33 7.87 19.44
CA ALA A 5 2.90 7.65 19.26
C ALA A 5 2.12 8.23 20.44
N SER A 6 1.09 9.00 20.14
CA SER A 6 0.26 9.63 21.15
C SER A 6 -1.21 9.38 20.81
N VAL A 7 -1.87 8.56 21.63
CA VAL A 7 -3.25 8.16 21.38
C VAL A 7 -4.16 9.37 21.38
N GLU A 8 -5.02 9.47 20.36
CA GLU A 8 -5.99 10.55 20.27
C GLU A 8 -6.78 10.53 21.58
N LYS A 9 -6.92 11.69 22.20
CA LYS A 9 -7.38 11.77 23.57
C LYS A 9 -8.72 11.10 23.83
N GLY A 10 -8.71 10.13 24.74
CA GLY A 10 -9.92 9.44 25.14
C GLY A 10 -10.40 8.34 24.20
N ARG A 11 -9.64 8.03 23.14
CA ARG A 11 -10.12 7.07 22.16
C ARG A 11 -9.65 5.65 22.48
N SER A 12 -10.45 4.67 22.12
CA SER A 12 -10.09 3.27 22.31
C SER A 12 -10.48 2.45 21.08
N TYR A 13 -10.28 1.14 21.17
CA TYR A 13 -10.57 0.21 20.08
C TYR A 13 -11.92 0.48 19.40
N GLU A 14 -12.98 0.66 20.19
CA GLU A 14 -14.31 0.85 19.63
C GLU A 14 -14.40 2.09 18.73
N ASP A 15 -13.73 3.16 19.12
CA ASP A 15 -13.71 4.38 18.31
C ASP A 15 -13.12 4.11 16.94
N PHE A 16 -12.01 3.39 16.92
CA PHE A 16 -11.33 3.12 15.66
C PHE A 16 -12.09 2.09 14.81
N GLN A 17 -12.77 1.14 15.45
CA GLN A 17 -13.61 0.20 14.72
C GLN A 17 -14.74 0.95 13.99
N LYS A 18 -15.24 2.03 14.60
CA LYS A 18 -16.27 2.83 13.96
C LYS A 18 -15.73 3.52 12.69
N VAL A 19 -14.50 4.01 12.76
CA VAL A 19 -13.86 4.61 11.58
C VAL A 19 -13.63 3.55 10.49
N TYR A 20 -13.08 2.40 10.88
CA TYR A 20 -12.96 1.26 9.97
C TYR A 20 -14.30 0.98 9.28
N ASN A 21 -15.37 0.89 10.07
CA ASN A 21 -16.67 0.56 9.50
C ASN A 21 -17.16 1.61 8.50
N ALA A 22 -16.93 2.88 8.80
CA ALA A 22 -17.34 3.94 7.88
C ALA A 22 -16.56 3.83 6.55
N ILE A 23 -15.27 3.55 6.63
CA ILE A 23 -14.48 3.36 5.42
C ILE A 23 -15.00 2.17 4.63
N ALA A 24 -15.23 1.06 5.34
CA ALA A 24 -15.69 -0.17 4.71
C ALA A 24 -17.09 -0.02 4.08
N LEU A 25 -17.98 0.70 4.74
CA LEU A 25 -19.32 0.93 4.20
C LEU A 25 -19.26 1.79 2.94
N LYS A 26 -18.36 2.76 2.93
CA LYS A 26 -18.19 3.62 1.76
C LYS A 26 -17.54 2.86 0.60
N LEU A 27 -16.64 1.92 0.90
CA LEU A 27 -16.07 1.05 -0.13
C LEU A 27 -17.17 0.26 -0.84
N ARG A 28 -18.15 -0.19 -0.06
CA ARG A 28 -19.26 -0.95 -0.58
C ARG A 28 -20.19 -0.06 -1.42
N GLU A 29 -20.40 1.17 -0.96
CA GLU A 29 -21.34 2.09 -1.57
C GLU A 29 -20.82 2.74 -2.86
N ASP A 30 -19.56 3.15 -2.87
CA ASP A 30 -18.99 3.81 -4.04
C ASP A 30 -18.34 2.78 -4.96
N ASP A 31 -19.13 1.82 -5.43
CA ASP A 31 -18.58 0.63 -6.08
C ASP A 31 -18.18 0.87 -7.53
N GLU A 32 -18.67 1.96 -8.11
CA GLU A 32 -18.49 2.24 -9.52
C GLU A 32 -17.11 2.80 -9.91
N TYR A 33 -16.35 3.29 -8.94
CA TYR A 33 -15.06 3.92 -9.21
C TYR A 33 -14.11 3.03 -10.02
N ASP A 34 -13.44 3.65 -10.98
CA ASP A 34 -12.43 2.97 -11.82
C ASP A 34 -12.99 1.73 -12.49
N ASN A 35 -14.08 1.92 -13.22
CA ASN A 35 -14.75 0.84 -13.93
C ASN A 35 -15.10 -0.33 -13.03
N TYR A 36 -15.65 0.01 -11.86
CA TYR A 36 -16.17 -0.95 -10.89
C TYR A 36 -15.09 -1.77 -10.17
N ILE A 37 -13.85 -1.29 -10.20
CA ILE A 37 -12.84 -1.85 -9.31
C ILE A 37 -13.16 -1.44 -7.88
N GLY A 38 -13.66 -0.22 -7.71
CA GLY A 38 -13.86 0.33 -6.38
C GLY A 38 -12.58 0.94 -5.84
N TYR A 39 -12.67 1.58 -4.68
CA TYR A 39 -11.56 2.35 -4.11
C TYR A 39 -10.55 1.52 -3.31
N GLY A 40 -10.76 0.22 -3.18
CA GLY A 40 -9.88 -0.59 -2.35
C GLY A 40 -8.41 -0.48 -2.74
N PRO A 41 -8.10 -0.79 -4.01
CA PRO A 41 -6.69 -0.75 -4.41
C PRO A 41 -6.02 0.62 -4.23
N VAL A 42 -6.70 1.71 -4.61
CA VAL A 42 -6.05 3.02 -4.50
C VAL A 42 -5.82 3.39 -3.02
N LEU A 43 -6.68 2.94 -2.11
CA LEU A 43 -6.46 3.17 -0.69
C LEU A 43 -5.24 2.40 -0.15
N VAL A 44 -5.04 1.18 -0.65
CA VAL A 44 -3.85 0.43 -0.30
C VAL A 44 -2.62 1.18 -0.80
N ARG A 45 -2.65 1.64 -2.05
CA ARG A 45 -1.51 2.36 -2.61
C ARG A 45 -1.25 3.66 -1.83
N LEU A 46 -2.31 4.34 -1.40
CA LEU A 46 -2.13 5.57 -0.64
C LEU A 46 -1.40 5.27 0.67
N ALA A 47 -1.82 4.23 1.38
CA ALA A 47 -1.20 3.87 2.64
C ALA A 47 0.30 3.56 2.45
N TRP A 48 0.64 2.89 1.35
CA TRP A 48 2.03 2.58 1.06
C TRP A 48 2.83 3.83 0.71
N HIS A 49 2.24 4.73 -0.08
CA HIS A 49 2.98 5.93 -0.48
C HIS A 49 3.23 6.95 0.63
N ILE A 50 2.30 7.03 1.58
CA ILE A 50 2.52 7.91 2.70
C ILE A 50 3.58 7.33 3.65
N SER A 51 3.76 6.00 3.60
CA SER A 51 4.72 5.33 4.44
C SER A 51 6.08 5.19 3.78
N GLY A 52 6.09 5.08 2.45
CA GLY A 52 7.28 4.74 1.69
C GLY A 52 8.26 5.88 1.48
N THR A 53 7.91 7.06 1.98
CA THR A 53 8.82 8.19 2.00
C THR A 53 9.84 8.09 3.13
N TRP A 54 9.68 7.10 4.00
CA TRP A 54 10.53 6.99 5.19
C TRP A 54 12.01 6.76 4.84
N ASP A 55 12.89 7.32 5.66
CA ASP A 55 14.32 7.10 5.54
C ASP A 55 14.85 6.68 6.90
N LYS A 56 15.30 5.43 7.01
CA LYS A 56 15.78 4.90 8.29
C LYS A 56 16.98 5.66 8.84
N HIS A 57 17.73 6.32 7.97
CA HIS A 57 18.96 6.95 8.40
C HIS A 57 18.73 8.16 9.29
N ASP A 58 17.68 8.93 9.02
CA ASP A 58 17.43 10.13 9.82
C ASP A 58 15.99 10.23 10.33
N ASN A 59 15.20 9.18 10.10
CA ASN A 59 13.79 9.14 10.47
C ASN A 59 12.94 10.28 9.88
N THR A 60 13.28 10.73 8.68
CA THR A 60 12.42 11.66 7.97
C THR A 60 11.39 10.88 7.14
N GLY A 61 10.31 11.56 6.76
CA GLY A 61 9.23 10.91 6.05
C GLY A 61 8.48 9.92 6.95
N GLY A 62 7.80 8.97 6.31
CA GLY A 62 7.02 7.98 7.04
C GLY A 62 5.60 8.45 7.28
N SER A 63 4.77 7.53 7.78
CA SER A 63 3.34 7.80 7.96
C SER A 63 3.00 8.73 9.12
N TYR A 64 3.91 8.89 10.08
CA TYR A 64 3.57 9.54 11.34
C TYR A 64 2.94 10.93 11.18
N GLY A 65 3.54 11.78 10.35
CA GLY A 65 3.18 13.19 10.32
C GLY A 65 1.96 13.55 9.49
N GLY A 66 1.45 12.61 8.69
CA GLY A 66 0.29 12.88 7.85
C GLY A 66 0.55 13.92 6.80
N THR A 67 1.79 14.00 6.33
CA THR A 67 2.25 15.12 5.50
C THR A 67 1.74 15.08 4.05
N TYR A 68 1.12 13.97 3.65
CA TYR A 68 0.51 13.88 2.32
C TYR A 68 -0.55 14.97 2.12
N ARG A 69 -1.07 15.53 3.22
CA ARG A 69 -2.08 16.57 3.14
C ARG A 69 -1.53 17.89 2.63
N PHE A 70 -0.22 18.03 2.59
CA PHE A 70 0.42 19.26 2.10
C PHE A 70 0.78 19.16 0.62
N LYS A 71 0.73 20.30 -0.07
CA LYS A 71 0.81 20.32 -1.52
C LYS A 71 2.06 19.70 -2.11
N LYS A 72 3.22 19.87 -1.47
CA LYS A 72 4.46 19.34 -2.02
C LYS A 72 4.37 17.83 -2.21
N GLU A 73 3.85 17.15 -1.21
CA GLU A 73 3.72 15.69 -1.26
C GLU A 73 2.51 15.26 -2.09
N PHE A 74 1.39 15.95 -1.91
CA PHE A 74 0.16 15.71 -2.66
C PHE A 74 0.43 15.78 -4.17
N ASN A 75 1.31 16.69 -4.58
CA ASN A 75 1.60 16.88 -6.00
C ASN A 75 2.85 16.16 -6.51
N ASP A 76 3.44 15.31 -5.67
CA ASP A 76 4.53 14.45 -6.12
C ASP A 76 4.07 13.67 -7.34
N PRO A 77 4.82 13.75 -8.45
CA PRO A 77 4.48 12.95 -9.64
C PRO A 77 4.32 11.46 -9.32
N SER A 78 5.08 10.95 -8.36
CA SER A 78 4.96 9.57 -7.93
C SER A 78 3.60 9.27 -7.31
N ASN A 79 2.91 10.31 -6.86
CA ASN A 79 1.62 10.14 -6.21
C ASN A 79 0.42 10.43 -7.13
N ALA A 80 0.67 10.61 -8.42
CA ALA A 80 -0.42 10.88 -9.36
C ALA A 80 -1.51 9.79 -9.29
N GLY A 81 -2.76 10.22 -9.09
CA GLY A 81 -3.89 9.31 -8.97
C GLY A 81 -4.36 9.08 -7.54
N LEU A 82 -3.47 9.29 -6.57
CA LEU A 82 -3.81 9.07 -5.17
C LEU A 82 -4.79 10.11 -4.64
N GLN A 83 -4.96 11.22 -5.37
CA GLN A 83 -5.92 12.24 -4.99
C GLN A 83 -7.32 11.64 -4.88
N ASN A 84 -7.56 10.58 -5.64
CA ASN A 84 -8.83 9.88 -5.58
C ASN A 84 -9.06 9.23 -4.22
N GLY A 85 -8.01 8.65 -3.66
CA GLY A 85 -8.09 8.06 -2.34
C GLY A 85 -8.28 9.14 -1.28
N PHE A 86 -7.60 10.26 -1.45
CA PHE A 86 -7.73 11.37 -0.51
C PHE A 86 -9.17 11.88 -0.50
N LYS A 87 -9.75 12.05 -1.69
CA LYS A 87 -11.13 12.53 -1.81
C LYS A 87 -12.13 11.55 -1.19
N PHE A 88 -11.86 10.26 -1.34
CA PHE A 88 -12.66 9.22 -0.71
C PHE A 88 -12.66 9.38 0.81
N LEU A 89 -11.49 9.65 1.38
CA LEU A 89 -11.35 9.71 2.83
C LEU A 89 -11.86 11.01 3.42
N GLU A 90 -12.06 12.03 2.59
CA GLU A 90 -12.50 13.33 3.11
C GLU A 90 -13.78 13.28 3.94
N PRO A 91 -14.84 12.63 3.42
CA PRO A 91 -16.06 12.60 4.25
C PRO A 91 -15.90 11.73 5.50
N ILE A 92 -14.98 10.78 5.48
CA ILE A 92 -14.70 9.97 6.66
C ILE A 92 -14.09 10.87 7.73
N HIS A 93 -13.14 11.70 7.32
CA HIS A 93 -12.49 12.58 8.28
C HIS A 93 -13.50 13.59 8.84
N LYS A 94 -14.47 14.00 8.03
CA LYS A 94 -15.45 14.96 8.52
C LYS A 94 -16.36 14.30 9.54
N GLU A 95 -16.62 13.02 9.38
CA GLU A 95 -17.45 12.29 10.33
C GLU A 95 -16.67 12.00 11.62
N PHE A 96 -15.35 11.86 11.49
CA PHE A 96 -14.49 11.56 12.64
C PHE A 96 -13.28 12.51 12.69
N PRO A 97 -13.52 13.79 12.97
CA PRO A 97 -12.41 14.75 12.87
C PRO A 97 -11.36 14.61 13.95
N TRP A 98 -11.62 13.78 14.95
CA TRP A 98 -10.66 13.54 16.03
C TRP A 98 -9.44 12.69 15.62
N ILE A 99 -9.57 11.94 14.54
CA ILE A 99 -8.49 11.05 14.11
C ILE A 99 -7.39 11.86 13.41
N SER A 100 -6.14 11.49 13.64
CA SER A 100 -5.05 12.17 12.93
C SER A 100 -5.02 11.76 11.46
N SER A 101 -4.37 12.58 10.64
CA SER A 101 -4.31 12.32 9.21
C SER A 101 -3.52 11.05 8.91
N GLY A 102 -2.37 10.87 9.57
CA GLY A 102 -1.58 9.66 9.38
C GLY A 102 -2.33 8.41 9.81
N ASP A 103 -3.06 8.50 10.90
CA ASP A 103 -3.87 7.37 11.35
C ASP A 103 -4.96 7.07 10.31
N LEU A 104 -5.60 8.10 9.77
CA LEU A 104 -6.65 7.88 8.78
C LEU A 104 -6.11 7.25 7.49
N PHE A 105 -5.01 7.79 6.96
CA PHE A 105 -4.47 7.27 5.70
C PHE A 105 -4.02 5.81 5.86
N SER A 106 -3.36 5.51 6.97
CA SER A 106 -2.88 4.14 7.18
C SER A 106 -4.04 3.18 7.44
N LEU A 107 -5.03 3.63 8.22
CA LEU A 107 -6.20 2.80 8.49
C LEU A 107 -7.00 2.52 7.22
N GLY A 108 -7.01 3.49 6.30
CA GLY A 108 -7.63 3.28 5.01
C GLY A 108 -7.06 2.08 4.28
N GLY A 109 -5.74 1.92 4.33
CA GLY A 109 -5.10 0.78 3.68
C GLY A 109 -5.43 -0.54 4.35
N VAL A 110 -5.36 -0.56 5.67
CA VAL A 110 -5.73 -1.74 6.44
C VAL A 110 -7.17 -2.16 6.16
N THR A 111 -8.09 -1.21 6.18
CA THR A 111 -9.50 -1.51 5.94
C THR A 111 -9.67 -2.09 4.54
N ALA A 112 -9.04 -1.46 3.56
CA ALA A 112 -9.15 -1.91 2.17
C ALA A 112 -8.63 -3.36 2.01
N VAL A 113 -7.45 -3.65 2.55
CA VAL A 113 -6.92 -5.01 2.46
C VAL A 113 -7.91 -6.02 3.06
N GLN A 114 -8.42 -5.74 4.26
CA GLN A 114 -9.29 -6.70 4.94
C GLN A 114 -10.64 -6.84 4.22
N GLU A 115 -11.20 -5.72 3.77
CA GLU A 115 -12.50 -5.78 3.12
C GLU A 115 -12.42 -6.48 1.75
N MET A 116 -11.24 -6.48 1.14
CA MET A 116 -10.99 -7.19 -0.11
C MET A 116 -10.60 -8.65 0.13
N GLN A 117 -10.89 -9.14 1.34
CA GLN A 117 -10.69 -10.55 1.71
C GLN A 117 -9.21 -10.91 1.92
N GLY A 118 -8.41 -9.89 2.19
CA GLY A 118 -7.01 -10.10 2.53
C GLY A 118 -6.83 -10.54 3.97
N PRO A 119 -5.57 -10.63 4.40
CA PRO A 119 -5.29 -10.99 5.78
C PRO A 119 -5.67 -9.88 6.74
N LYS A 120 -5.87 -10.25 7.98
CA LYS A 120 -5.99 -9.27 9.05
C LYS A 120 -4.65 -8.58 9.19
N ILE A 121 -4.69 -7.26 9.34
CA ILE A 121 -3.50 -6.45 9.54
C ILE A 121 -3.63 -5.75 10.88
N PRO A 122 -2.85 -6.17 11.89
CA PRO A 122 -2.93 -5.42 13.14
C PRO A 122 -2.51 -3.98 12.91
N TRP A 123 -3.16 -3.05 13.63
CA TRP A 123 -2.95 -1.63 13.39
C TRP A 123 -2.87 -0.89 14.71
N ARG A 124 -1.95 0.07 14.79
CA ARG A 124 -1.77 0.86 16.00
C ARG A 124 -2.08 2.31 15.71
N CYS A 125 -2.71 2.96 16.68
CA CYS A 125 -3.03 4.37 16.56
C CYS A 125 -1.92 5.23 17.17
N GLY A 126 -2.05 6.54 16.99
CA GLY A 126 -1.20 7.49 17.68
C GLY A 126 -0.26 8.31 16.81
N ARG A 127 -0.36 8.19 15.48
CA ARG A 127 0.35 9.12 14.61
C ARG A 127 -0.16 10.53 14.90
N VAL A 128 0.74 11.52 14.87
CA VAL A 128 0.39 12.90 15.17
C VAL A 128 0.75 13.83 14.01
N ASP A 129 -0.20 14.65 13.57
CA ASP A 129 0.04 15.58 12.46
C ASP A 129 1.21 16.50 12.77
N THR A 130 2.15 16.60 11.83
CA THR A 130 3.29 17.50 11.97
C THR A 130 3.23 18.63 10.94
N PRO A 131 3.99 19.72 11.16
CA PRO A 131 3.85 20.92 10.31
C PRO A 131 4.31 20.74 8.86
N GLU A 132 3.95 21.70 8.02
CA GLU A 132 4.22 21.61 6.58
C GLU A 132 5.71 21.49 6.26
N ASP A 133 6.55 22.09 7.10
CA ASP A 133 7.99 22.05 6.85
C ASP A 133 8.62 20.68 7.14
N THR A 134 7.81 19.74 7.63
CA THR A 134 8.29 18.37 7.87
C THR A 134 7.96 17.45 6.70
N THR A 135 7.33 18.00 5.66
CA THR A 135 6.98 17.22 4.48
C THR A 135 8.25 16.82 3.73
N PRO A 136 8.42 15.53 3.41
CA PRO A 136 9.61 15.10 2.66
C PRO A 136 9.56 15.58 1.22
N ASP A 137 10.72 15.90 0.65
CA ASP A 137 10.82 16.25 -0.76
C ASP A 137 10.38 15.07 -1.62
N ASN A 138 9.92 15.39 -2.84
CA ASN A 138 9.59 14.38 -3.83
C ASN A 138 10.82 13.58 -4.19
N GLY A 139 10.64 12.37 -4.68
CA GLY A 139 11.75 11.57 -5.20
C GLY A 139 12.16 10.41 -4.32
N ARG A 140 11.42 10.17 -3.24
CA ARG A 140 11.74 9.09 -2.31
C ARG A 140 11.00 7.79 -2.62
N LEU A 141 10.01 7.84 -3.49
CA LEU A 141 9.28 6.64 -3.87
C LEU A 141 9.98 5.98 -5.08
N PRO A 142 9.76 4.66 -5.27
CA PRO A 142 10.61 3.93 -6.23
C PRO A 142 10.23 4.08 -7.70
N ASP A 143 11.23 4.02 -8.58
CA ASP A 143 11.03 3.98 -10.03
C ASP A 143 10.61 2.58 -10.44
N ALA A 144 9.82 2.48 -11.51
CA ALA A 144 9.32 1.20 -12.01
C ALA A 144 10.14 0.63 -13.16
N ASP A 145 11.05 1.42 -13.71
CA ASP A 145 11.78 1.03 -14.91
C ASP A 145 13.14 0.40 -14.63
N LYS A 146 13.29 -0.17 -13.44
CA LYS A 146 14.59 -0.64 -12.96
C LYS A 146 14.64 -2.15 -12.73
N ASP A 147 15.80 -2.65 -12.28
CA ASP A 147 16.02 -4.08 -12.11
C ASP A 147 16.01 -4.52 -10.65
N ALA A 148 16.34 -5.79 -10.41
CA ALA A 148 16.26 -6.37 -9.08
C ALA A 148 17.24 -5.70 -8.11
N GLY A 149 18.42 -5.36 -8.59
CA GLY A 149 19.42 -4.70 -7.76
C GLY A 149 18.93 -3.37 -7.24
N TYR A 150 18.25 -2.62 -8.11
CA TYR A 150 17.64 -1.36 -7.71
C TYR A 150 16.56 -1.59 -6.65
N VAL A 151 15.70 -2.56 -6.86
CA VAL A 151 14.63 -2.84 -5.92
C VAL A 151 15.19 -3.18 -4.54
N ARG A 152 16.20 -4.05 -4.53
CA ARG A 152 16.80 -4.52 -3.29
C ARG A 152 17.42 -3.35 -2.52
N THR A 153 18.17 -2.53 -3.23
CA THR A 153 18.82 -1.38 -2.60
C THR A 153 17.78 -0.36 -2.13
N PHE A 154 16.78 -0.10 -2.96
CA PHE A 154 15.76 0.86 -2.60
C PHE A 154 15.12 0.51 -1.26
N PHE A 155 14.71 -0.75 -1.13
CA PHE A 155 13.96 -1.15 0.05
C PHE A 155 14.81 -1.28 1.31
N GLN A 156 16.13 -1.34 1.18
CA GLN A 156 16.99 -1.26 2.35
C GLN A 156 16.78 0.05 3.12
N ARG A 157 16.42 1.11 2.41
CA ARG A 157 16.18 2.41 3.04
C ARG A 157 14.95 2.36 3.94
N LEU A 158 14.02 1.44 3.64
CA LEU A 158 12.82 1.21 4.44
C LEU A 158 13.00 0.04 5.42
N ASN A 159 14.25 -0.40 5.59
CA ASN A 159 14.60 -1.53 6.44
C ASN A 159 13.82 -2.81 6.11
N MET A 160 13.62 -3.05 4.81
CA MET A 160 12.95 -4.26 4.33
C MET A 160 13.95 -5.21 3.68
N ASN A 161 13.82 -6.51 3.98
CA ASN A 161 14.69 -7.54 3.41
C ASN A 161 14.01 -8.21 2.21
N ASP A 162 14.64 -9.24 1.64
CA ASP A 162 14.12 -9.85 0.41
C ASP A 162 12.70 -10.42 0.60
N ARG A 163 12.48 -11.11 1.72
CA ARG A 163 11.18 -11.72 1.97
C ARG A 163 10.08 -10.65 2.12
N GLU A 164 10.42 -9.59 2.85
CA GLU A 164 9.48 -8.49 3.04
C GLU A 164 9.15 -7.80 1.73
N VAL A 165 10.15 -7.60 0.88
CA VAL A 165 9.95 -6.97 -0.42
C VAL A 165 9.03 -7.83 -1.30
N VAL A 166 9.36 -9.11 -1.43
CA VAL A 166 8.55 -9.97 -2.29
C VAL A 166 7.11 -10.04 -1.77
N ALA A 167 6.94 -10.14 -0.46
CA ALA A 167 5.59 -10.18 0.12
C ALA A 167 4.81 -8.89 -0.16
N LEU A 168 5.43 -7.75 0.07
CA LEU A 168 4.73 -6.47 -0.18
C LEU A 168 4.31 -6.32 -1.63
N MET A 169 5.15 -6.78 -2.56
CA MET A 169 4.85 -6.61 -3.98
C MET A 169 3.64 -7.42 -4.43
N GLY A 170 3.21 -8.39 -3.62
CA GLY A 170 2.02 -9.16 -3.93
C GLY A 170 0.77 -8.27 -4.01
N ALA A 171 0.84 -7.08 -3.41
CA ALA A 171 -0.26 -6.10 -3.54
C ALA A 171 -0.50 -5.70 -4.99
N HIS A 172 0.46 -5.95 -5.87
CA HIS A 172 0.28 -5.67 -7.30
C HIS A 172 -0.70 -6.59 -8.03
N ALA A 173 -1.29 -7.54 -7.31
CA ALA A 173 -2.47 -8.24 -7.81
C ALA A 173 -3.69 -7.29 -7.84
N LEU A 174 -3.66 -6.25 -7.03
CA LEU A 174 -4.79 -5.36 -6.87
C LEU A 174 -4.80 -4.21 -7.88
N GLY A 175 -6.00 -3.76 -8.24
CA GLY A 175 -6.15 -2.57 -9.06
C GLY A 175 -5.53 -2.73 -10.43
N LYS A 176 -4.98 -1.65 -10.96
CA LYS A 176 -4.36 -1.68 -12.28
C LYS A 176 -3.47 -0.46 -12.47
N THR A 177 -2.66 -0.48 -13.50
CA THR A 177 -1.93 0.71 -13.92
C THR A 177 -2.85 1.58 -14.79
N HIS A 178 -2.62 2.88 -14.77
CA HIS A 178 -3.36 3.84 -15.59
C HIS A 178 -2.34 4.68 -16.35
N LEU A 179 -2.44 4.68 -17.68
CA LEU A 179 -1.44 5.35 -18.51
C LEU A 179 -1.24 6.81 -18.11
N LYS A 180 -2.34 7.48 -17.81
CA LYS A 180 -2.29 8.90 -17.49
C LYS A 180 -1.65 9.20 -16.11
N ASN A 181 -1.63 8.21 -15.22
CA ASN A 181 -1.00 8.40 -13.91
C ASN A 181 0.50 8.10 -13.94
N SER A 182 0.88 6.97 -14.54
CA SER A 182 2.22 6.42 -14.32
C SER A 182 3.01 6.12 -15.59
N GLY A 183 2.38 6.18 -16.75
CA GLY A 183 3.10 5.77 -17.94
C GLY A 183 3.12 4.26 -18.16
N TYR A 184 2.25 3.53 -17.46
CA TYR A 184 2.10 2.09 -17.64
C TYR A 184 0.61 1.81 -17.84
N GLU A 185 0.28 0.78 -18.59
N GLU A 185 0.30 0.75 -18.56
CA GLU A 185 -1.14 0.49 -18.79
CA GLU A 185 -1.09 0.46 -18.88
C GLU A 185 -1.41 -1.01 -18.92
C GLU A 185 -1.38 -1.04 -18.90
N GLY A 186 -2.62 -1.41 -18.56
CA GLY A 186 -3.10 -2.74 -18.86
C GLY A 186 -3.18 -3.74 -17.73
N GLY A 187 -3.17 -5.03 -18.09
CA GLY A 187 -3.12 -6.09 -17.10
C GLY A 187 -4.45 -6.39 -16.43
N GLY A 188 -5.53 -5.93 -17.04
CA GLY A 188 -6.84 -6.19 -16.46
C GLY A 188 -6.90 -5.51 -15.10
N ALA A 189 -7.58 -6.13 -14.15
CA ALA A 189 -7.96 -5.43 -12.95
C ALA A 189 -8.63 -6.35 -11.95
N ASN A 190 -8.49 -6.03 -10.67
CA ASN A 190 -8.89 -6.96 -9.64
C ASN A 190 -9.10 -6.25 -8.31
N ASN A 191 -10.10 -6.67 -7.54
CA ASN A 191 -10.34 -6.07 -6.23
C ASN A 191 -10.54 -7.10 -5.11
N VAL A 192 -9.97 -8.28 -5.31
CA VAL A 192 -9.94 -9.32 -4.30
C VAL A 192 -8.46 -9.64 -4.02
N PHE A 193 -8.11 -9.68 -2.74
CA PHE A 193 -6.73 -9.87 -2.32
C PHE A 193 -6.41 -11.37 -2.38
N THR A 194 -5.47 -11.75 -3.26
CA THR A 194 -5.04 -13.12 -3.42
C THR A 194 -3.56 -13.15 -3.68
N ASN A 195 -3.01 -14.35 -3.84
CA ASN A 195 -1.60 -14.53 -4.22
C ASN A 195 -1.39 -14.63 -5.74
N GLU A 196 -2.35 -14.13 -6.51
N GLU A 196 -2.35 -14.13 -6.52
CA GLU A 196 -2.30 -14.28 -7.97
CA GLU A 196 -2.32 -14.25 -8.00
C GLU A 196 -1.14 -13.56 -8.66
C GLU A 196 -1.31 -13.38 -8.74
N PHE A 197 -0.55 -12.56 -8.00
CA PHE A 197 0.61 -11.86 -8.59
C PHE A 197 1.71 -12.88 -8.88
N TYR A 198 1.94 -13.76 -7.92
CA TYR A 198 3.04 -14.73 -8.02
C TYR A 198 2.70 -15.81 -9.02
N LEU A 199 1.44 -16.26 -9.03
CA LEU A 199 1.00 -17.26 -10.00
C LEU A 199 1.12 -16.73 -11.42
N ASN A 200 0.70 -15.49 -11.64
CA ASN A 200 0.83 -14.89 -12.96
C ASN A 200 2.29 -14.76 -13.40
N LEU A 201 3.16 -14.30 -12.50
CA LEU A 201 4.59 -14.20 -12.80
C LEU A 201 5.11 -15.54 -13.32
N LEU A 202 4.78 -16.62 -12.63
CA LEU A 202 5.33 -17.92 -12.95
C LEU A 202 4.65 -18.63 -14.11
N ASN A 203 3.35 -18.41 -14.28
CA ASN A 203 2.59 -19.23 -15.22
C ASN A 203 2.31 -18.61 -16.57
N GLU A 204 2.41 -17.30 -16.67
CA GLU A 204 2.12 -16.62 -17.94
C GLU A 204 3.34 -16.62 -18.87
N ASP A 205 3.07 -16.45 -20.16
CA ASP A 205 4.13 -16.31 -21.17
C ASP A 205 4.31 -14.85 -21.43
N TRP A 206 5.45 -14.34 -20.98
CA TRP A 206 5.70 -12.89 -20.96
C TRP A 206 6.56 -12.45 -22.12
N LYS A 207 6.28 -11.25 -22.61
CA LYS A 207 7.09 -10.62 -23.64
C LYS A 207 7.33 -9.15 -23.32
N LEU A 208 8.59 -8.73 -23.40
CA LEU A 208 8.95 -7.33 -23.16
C LEU A 208 8.58 -6.47 -24.35
N GLU A 209 7.83 -5.40 -24.09
CA GLU A 209 7.37 -4.50 -25.13
C GLU A 209 7.45 -3.06 -24.68
N LYS A 210 7.33 -2.12 -25.62
CA LYS A 210 7.13 -0.71 -25.28
C LYS A 210 5.66 -0.34 -25.39
N ASN A 211 5.17 0.44 -24.43
CA ASN A 211 3.76 0.83 -24.41
C ASN A 211 3.54 2.16 -25.11
N ASP A 212 2.31 2.68 -25.05
CA ASP A 212 1.97 3.90 -25.78
C ASP A 212 2.56 5.15 -25.16
N ALA A 213 3.18 5.01 -24.00
CA ALA A 213 3.91 6.12 -23.38
C ALA A 213 5.41 5.95 -23.56
N ASN A 214 5.77 5.01 -24.42
CA ASN A 214 7.16 4.70 -24.72
C ASN A 214 7.96 4.09 -23.56
N ASN A 215 7.25 3.45 -22.63
CA ASN A 215 7.88 2.79 -21.49
C ASN A 215 7.89 1.26 -21.65
N GLU A 216 9.01 0.63 -21.28
N GLU A 216 8.96 0.62 -21.21
CA GLU A 216 9.05 -0.84 -21.15
CA GLU A 216 9.01 -0.84 -21.23
C GLU A 216 8.03 -1.45 -20.17
C GLU A 216 8.15 -1.49 -20.18
N GLN A 217 7.42 -2.53 -20.59
N GLN A 217 7.46 -2.54 -20.58
CA GLN A 217 6.71 -3.38 -19.66
CA GLN A 217 6.70 -3.38 -19.66
C GLN A 217 6.57 -4.78 -20.24
C GLN A 217 6.56 -4.78 -20.24
N TRP A 218 6.35 -5.75 -19.35
CA TRP A 218 6.17 -7.13 -19.77
C TRP A 218 4.70 -7.44 -19.92
N ASP A 219 4.33 -7.98 -21.09
CA ASP A 219 2.93 -8.27 -21.44
C ASP A 219 2.72 -9.75 -21.72
N SER A 220 1.58 -10.29 -21.32
CA SER A 220 1.25 -11.67 -21.65
C SER A 220 0.12 -11.69 -22.68
N LYS A 221 -0.07 -12.79 -23.38
CA LYS A 221 -1.11 -12.83 -24.39
C LYS A 221 -2.48 -13.00 -23.75
N SER A 222 -2.51 -13.26 -22.45
CA SER A 222 -3.76 -13.28 -21.70
C SER A 222 -4.20 -11.86 -21.36
N GLY A 223 -3.31 -10.89 -21.63
CA GLY A 223 -3.63 -9.49 -21.41
C GLY A 223 -3.14 -8.91 -20.10
N TYR A 224 -2.33 -9.68 -19.37
CA TYR A 224 -1.77 -9.19 -18.12
C TYR A 224 -0.47 -8.43 -18.36
N MET A 225 -0.01 -7.70 -17.35
CA MET A 225 1.24 -6.93 -17.46
C MET A 225 2.01 -6.97 -16.16
N MET A 226 3.33 -6.81 -16.30
CA MET A 226 4.23 -6.65 -15.16
C MET A 226 5.16 -5.46 -15.42
N LEU A 227 5.38 -4.63 -14.40
CA LEU A 227 6.42 -3.60 -14.49
C LEU A 227 7.78 -4.28 -14.56
N PRO A 228 8.78 -3.59 -15.10
CA PRO A 228 10.14 -4.15 -15.02
C PRO A 228 10.52 -4.52 -13.58
N THR A 229 10.12 -3.73 -12.60
CA THR A 229 10.46 -4.04 -11.22
C THR A 229 9.69 -5.26 -10.72
N ASP A 230 8.46 -5.48 -11.21
CA ASP A 230 7.69 -6.69 -10.87
C ASP A 230 8.43 -7.91 -11.43
N TYR A 231 8.77 -7.82 -12.71
CA TYR A 231 9.39 -8.94 -13.42
C TYR A 231 10.77 -9.27 -12.83
N SER A 232 11.42 -8.27 -12.25
CA SER A 232 12.74 -8.49 -11.65
C SER A 232 12.69 -9.55 -10.54
N LEU A 233 11.51 -9.76 -9.97
CA LEU A 233 11.37 -10.73 -8.90
C LEU A 233 11.50 -12.19 -9.37
N ILE A 234 11.40 -12.43 -10.67
CA ILE A 234 11.71 -13.78 -11.19
C ILE A 234 13.01 -13.81 -11.99
N GLN A 235 13.63 -12.66 -12.21
CA GLN A 235 14.95 -12.60 -12.85
C GLN A 235 16.06 -12.85 -11.83
N ASP A 236 15.86 -12.40 -10.61
CA ASP A 236 16.83 -12.56 -9.54
C ASP A 236 16.59 -13.89 -8.82
N PRO A 237 17.64 -14.69 -8.61
CA PRO A 237 17.36 -16.04 -8.10
C PRO A 237 16.90 -16.07 -6.65
N LYS A 238 17.29 -15.08 -5.85
CA LYS A 238 16.86 -15.06 -4.46
C LYS A 238 15.38 -14.66 -4.37
N TYR A 239 14.99 -13.66 -5.14
CA TYR A 239 13.57 -13.28 -5.21
C TYR A 239 12.74 -14.43 -5.79
N LEU A 240 13.26 -15.11 -6.80
CA LEU A 240 12.50 -16.16 -7.48
C LEU A 240 12.07 -17.26 -6.51
N SER A 241 12.96 -17.66 -5.62
CA SER A 241 12.63 -18.70 -4.65
C SER A 241 11.44 -18.32 -3.79
N ILE A 242 11.36 -17.03 -3.42
CA ILE A 242 10.30 -16.56 -2.54
C ILE A 242 9.00 -16.43 -3.32
N VAL A 243 9.10 -15.95 -4.57
CA VAL A 243 7.95 -15.93 -5.47
C VAL A 243 7.31 -17.32 -5.57
N LYS A 244 8.14 -18.35 -5.78
CA LYS A 244 7.63 -19.71 -5.85
C LYS A 244 6.95 -20.14 -4.53
N GLU A 245 7.52 -19.73 -3.41
CA GLU A 245 6.97 -20.08 -2.11
C GLU A 245 5.55 -19.51 -1.96
N TYR A 246 5.39 -18.24 -2.29
CA TYR A 246 4.09 -17.58 -2.15
C TYR A 246 3.08 -18.08 -3.18
N ALA A 247 3.54 -18.46 -4.37
CA ALA A 247 2.66 -19.01 -5.40
C ALA A 247 2.08 -20.34 -4.96
N ASN A 248 2.80 -21.01 -4.06
CA ASN A 248 2.39 -22.33 -3.62
C ASN A 248 1.85 -22.41 -2.18
N ASP A 249 1.70 -21.26 -1.53
CA ASP A 249 1.20 -21.24 -0.16
C ASP A 249 0.50 -19.93 0.13
N GLN A 250 -0.81 -19.92 -0.11
CA GLN A 250 -1.63 -18.74 0.12
C GLN A 250 -1.56 -18.23 1.56
N ASP A 251 -1.62 -19.14 2.52
CA ASP A 251 -1.62 -18.75 3.93
C ASP A 251 -0.29 -18.10 4.32
N LYS A 252 0.82 -18.66 3.85
CA LYS A 252 2.13 -18.10 4.15
C LYS A 252 2.27 -16.69 3.57
N PHE A 253 1.80 -16.51 2.33
CA PHE A 253 1.80 -15.17 1.75
C PHE A 253 0.98 -14.19 2.61
N PHE A 254 -0.22 -14.60 3.00
CA PHE A 254 -1.08 -13.73 3.81
C PHE A 254 -0.37 -13.33 5.11
N LYS A 255 0.22 -14.29 5.80
CA LYS A 255 0.88 -14.02 7.07
C LYS A 255 2.10 -13.11 6.91
N ASP A 256 2.92 -13.36 5.90
CA ASP A 256 4.09 -12.53 5.67
C ASP A 256 3.71 -11.14 5.19
N PHE A 257 2.72 -11.03 4.30
CA PHE A 257 2.23 -9.71 3.90
C PHE A 257 1.73 -8.89 5.09
N SER A 258 0.95 -9.54 5.97
CA SER A 258 0.39 -8.83 7.11
C SER A 258 1.51 -8.22 7.96
N LYS A 259 2.56 -9.02 8.23
CA LYS A 259 3.69 -8.54 9.03
C LYS A 259 4.43 -7.40 8.34
N ALA A 260 4.69 -7.55 7.04
CA ALA A 260 5.46 -6.54 6.31
C ALA A 260 4.68 -5.24 6.15
N PHE A 261 3.38 -5.36 5.92
CA PHE A 261 2.55 -4.18 5.72
C PHE A 261 2.36 -3.39 7.03
N GLU A 262 2.16 -4.11 8.14
CA GLU A 262 2.12 -3.43 9.43
C GLU A 262 3.45 -2.70 9.68
N LYS A 263 4.55 -3.40 9.44
CA LYS A 263 5.87 -2.80 9.65
C LYS A 263 6.05 -1.54 8.81
N LEU A 264 5.67 -1.62 7.53
CA LEU A 264 5.74 -0.49 6.61
C LEU A 264 4.98 0.71 7.18
N LEU A 265 3.78 0.46 7.66
CA LEU A 265 2.91 1.51 8.17
C LEU A 265 3.37 2.07 9.51
N GLU A 266 4.24 1.33 10.21
CA GLU A 266 4.70 1.75 11.53
C GLU A 266 6.16 2.24 11.57
N ASN A 267 6.87 2.12 10.46
CA ASN A 267 8.25 2.55 10.40
C ASN A 267 8.35 4.01 10.85
N GLY A 268 9.33 4.29 11.71
CA GLY A 268 9.60 5.65 12.16
C GLY A 268 8.89 6.03 13.45
N ILE A 269 7.97 5.18 13.92
CA ILE A 269 7.17 5.50 15.09
C ILE A 269 7.68 4.78 16.32
N THR A 270 7.88 5.54 17.39
CA THR A 270 8.23 4.96 18.68
C THR A 270 6.97 4.78 19.51
N PHE A 271 6.68 3.54 19.89
CA PHE A 271 5.49 3.25 20.70
C PHE A 271 5.89 3.07 22.16
N PRO A 272 5.33 3.91 23.05
CA PRO A 272 5.57 3.78 24.50
C PRO A 272 5.29 2.36 25.00
N LYS A 273 6.01 1.96 26.04
CA LYS A 273 5.88 0.62 26.60
C LYS A 273 4.46 0.32 27.03
N ASP A 274 3.74 1.35 27.49
CA ASP A 274 2.36 1.18 27.93
C ASP A 274 1.34 1.64 26.89
N ALA A 275 1.75 1.73 25.63
CA ALA A 275 0.80 2.01 24.55
C ALA A 275 -0.17 0.84 24.45
N PRO A 276 -1.37 1.08 23.89
CA PRO A 276 -2.30 -0.02 23.67
C PRO A 276 -1.70 -1.07 22.74
N SER A 277 -2.09 -2.32 22.92
CA SER A 277 -1.72 -3.38 21.99
C SER A 277 -2.29 -3.06 20.61
N PRO A 278 -1.69 -3.62 19.56
CA PRO A 278 -2.25 -3.41 18.22
C PRO A 278 -3.71 -3.86 18.14
N PHE A 279 -4.51 -3.13 17.38
CA PHE A 279 -5.91 -3.47 17.20
C PHE A 279 -6.07 -4.41 16.01
N ILE A 280 -6.94 -5.40 16.14
CA ILE A 280 -7.34 -6.20 15.00
C ILE A 280 -8.83 -5.99 14.77
N PHE A 281 -9.16 -5.27 13.70
CA PHE A 281 -10.52 -4.88 13.40
C PHE A 281 -11.31 -6.00 12.76
N LYS A 282 -12.58 -6.09 13.12
CA LYS A 282 -13.51 -7.02 12.50
C LYS A 282 -13.96 -6.47 11.16
N THR A 283 -14.09 -7.34 10.16
CA THR A 283 -14.65 -6.92 8.88
C THR A 283 -16.15 -6.66 9.03
N LEU A 284 -16.74 -5.96 8.05
CA LEU A 284 -18.20 -5.80 8.04
C LEU A 284 -18.88 -7.16 8.06
N GLU A 285 -18.35 -8.08 7.26
CA GLU A 285 -18.89 -9.42 7.18
C GLU A 285 -18.90 -10.11 8.55
N GLU A 286 -17.80 -10.00 9.29
CA GLU A 286 -17.72 -10.61 10.61
C GLU A 286 -18.71 -9.99 11.60
N GLN A 287 -19.10 -8.74 11.37
CA GLN A 287 -20.01 -8.04 12.26
C GLN A 287 -21.48 -8.18 11.84
N GLY A 288 -21.73 -8.85 10.72
CA GLY A 288 -23.09 -8.97 10.22
C GLY A 288 -23.62 -7.66 9.68
N LEU A 289 -22.71 -6.78 9.28
CA LEU A 289 -23.08 -5.46 8.76
C LEU A 289 -22.91 -5.37 7.24
#